data_6Q35
#
_entry.id   6Q35
#
_cell.length_a   75.669
_cell.length_b   79.444
_cell.length_c   87.523
_cell.angle_alpha   90.00
_cell.angle_beta   90.00
_cell.angle_gamma   90.00
#
_symmetry.space_group_name_H-M   'P 21 21 21'
#
loop_
_entity.id
_entity.type
_entity.pdbx_description
1 polymer Beta-lactamase
2 non-polymer 1,2-ETHANEDIOL
3 non-polymer '[5-(aminomethyl)-1-benzothiophen-2-yl]boronic acid'
4 non-polymer 'DIMETHYL SULFOXIDE'
5 water water
#
_entity_poly.entity_id   1
_entity_poly.type   'polypeptide(L)'
_entity_poly.pdbx_seq_one_letter_code
;ASEKLTFKTDLEKLEREKAAQIGVAIVDPQGEIVAGHRMAQRFAMCSTFKFPLAALVFERIDSGTERGDRKLSYGPDMIV
EWSPATERFLASGHMTVLEAAQAAVQLSDNGATNLLLREIGGPAAMTQYFRKIGDSVSRLDRKEPEMSDNTPGDLRDTTT
PIAMARTVAKVLYGGALTSTSTHTIERWLIGNQTGDATLRAGFPKDWVVGEKTGTCANGGRNDIGFFKAQERDYAVAVYT
TAPKLSAVERDELVASVGQVITQLILSTDK
;
_entity_poly.pdbx_strand_id   A,B
#
# COMPACT_ATOMS: atom_id res chain seq x y z
N SER A 2 -8.80 -21.93 34.83
CA SER A 2 -9.88 -20.97 35.16
C SER A 2 -9.90 -19.83 34.15
N GLU A 3 -8.71 -19.37 33.74
CA GLU A 3 -8.61 -18.35 32.71
C GLU A 3 -9.10 -18.97 31.39
N LYS A 4 -8.96 -20.30 31.33
CA LYS A 4 -9.46 -21.06 30.19
C LYS A 4 -10.98 -21.08 30.22
N LEU A 5 -11.61 -21.19 31.40
CA LEU A 5 -13.06 -21.16 31.43
C LEU A 5 -13.56 -19.74 31.09
N THR A 6 -12.81 -18.73 31.53
CA THR A 6 -13.23 -17.36 31.22
C THR A 6 -13.21 -17.14 29.71
N PHE A 7 -12.11 -17.58 29.08
CA PHE A 7 -11.96 -17.49 27.64
C PHE A 7 -13.15 -18.16 26.94
N LYS A 8 -13.41 -19.44 27.30
CA LYS A 8 -14.53 -20.13 26.69
C LYS A 8 -15.85 -19.39 26.91
N THR A 9 -16.09 -18.93 28.16
CA THR A 9 -17.38 -18.33 28.48
C THR A 9 -17.57 -17.01 27.73
N ASP A 10 -16.51 -16.22 27.73
CA ASP A 10 -16.56 -14.95 27.06
C ASP A 10 -16.75 -15.08 25.55
N LEU A 11 -16.15 -16.12 24.91
CA LEU A 11 -16.43 -16.31 23.49
C LEU A 11 -17.85 -16.83 23.28
N GLU A 12 -18.34 -17.69 24.19
CA GLU A 12 -19.71 -18.20 24.01
C GLU A 12 -20.73 -17.07 24.14
N LYS A 13 -20.44 -16.15 25.06
CA LYS A 13 -21.26 -14.96 25.23
C LYS A 13 -21.33 -14.17 23.93
N LEU A 14 -20.18 -13.85 23.28
CA LEU A 14 -20.23 -13.19 22.00
C LEU A 14 -21.03 -13.99 20.97
N GLU A 15 -20.78 -15.31 20.89
CA GLU A 15 -21.49 -16.11 19.89
C GLU A 15 -23.00 -15.96 20.05
N ARG A 16 -23.46 -16.10 21.29
CA ARG A 16 -24.89 -16.07 21.61
C ARG A 16 -25.45 -14.69 21.29
N GLU A 17 -24.78 -13.62 21.79
CA GLU A 17 -25.29 -12.26 21.66
C GLU A 17 -25.23 -11.73 20.22
N LYS A 18 -24.25 -12.18 19.41
CA LYS A 18 -24.09 -11.67 18.06
C LYS A 18 -24.65 -12.67 17.03
N ALA A 19 -25.15 -13.83 17.47
CA ALA A 19 -25.65 -14.86 16.54
C ALA A 19 -24.50 -15.29 15.61
N ALA A 20 -23.35 -15.53 16.23
CA ALA A 20 -22.11 -15.79 15.51
C ALA A 20 -21.51 -17.15 15.87
N GLN A 21 -20.72 -17.73 14.94
CA GLN A 21 -19.89 -18.88 15.29
C GLN A 21 -18.46 -18.31 15.23
N ILE A 22 -17.68 -18.63 16.26
CA ILE A 22 -16.32 -18.13 16.41
C ILE A 22 -15.44 -19.36 16.56
N GLY A 23 -14.39 -19.42 15.73
CA GLY A 23 -13.38 -20.45 15.87
C GLY A 23 -12.02 -19.77 16.10
N VAL A 24 -11.29 -20.20 17.12
CA VAL A 24 -10.02 -19.58 17.49
C VAL A 24 -9.02 -20.66 17.79
N ALA A 25 -7.76 -20.45 17.45
CA ALA A 25 -6.67 -21.28 17.94
C ALA A 25 -5.48 -20.34 18.13
N ILE A 26 -4.82 -20.46 19.28
CA ILE A 26 -3.57 -19.77 19.53
C ILE A 26 -2.56 -20.89 19.78
N VAL A 27 -1.39 -20.80 19.16
CA VAL A 27 -0.36 -21.82 19.34
C VAL A 27 0.93 -21.06 19.58
N ASP A 28 1.86 -21.75 20.26
CA ASP A 28 3.19 -21.24 20.49
C ASP A 28 4.06 -21.56 19.27
N PRO A 29 5.35 -21.16 19.25
CA PRO A 29 6.15 -21.26 18.03
C PRO A 29 6.29 -22.67 17.47
N GLN A 30 6.11 -23.66 18.33
CA GLN A 30 6.21 -25.07 17.97
C GLN A 30 4.85 -25.64 17.59
N GLY A 31 3.80 -24.84 17.64
CA GLY A 31 2.46 -25.33 17.32
C GLY A 31 1.70 -25.97 18.48
N GLU A 32 2.25 -25.85 19.69
CA GLU A 32 1.55 -26.38 20.85
C GLU A 32 0.42 -25.43 21.20
N ILE A 33 -0.73 -26.04 21.55
CA ILE A 33 -1.93 -25.28 21.78
C ILE A 33 -1.82 -24.44 23.06
N VAL A 34 -2.12 -23.15 22.92
CA VAL A 34 -2.21 -22.24 24.06
C VAL A 34 -3.68 -22.08 24.45
N ALA A 35 -4.55 -21.92 23.45
CA ALA A 35 -5.98 -21.86 23.71
C ALA A 35 -6.68 -22.17 22.41
N GLY A 36 -7.93 -22.57 22.57
CA GLY A 36 -8.73 -22.83 21.40
C GLY A 36 -10.21 -22.74 21.71
N HIS A 37 -10.98 -22.51 20.64
CA HIS A 37 -12.42 -22.49 20.71
C HIS A 37 -12.98 -22.94 19.37
N ARG A 38 -13.69 -24.09 19.39
CA ARG A 38 -14.14 -24.70 18.16
C ARG A 38 -12.97 -24.76 17.15
N MET A 39 -11.85 -25.25 17.65
CA MET A 39 -10.62 -25.08 16.90
C MET A 39 -10.54 -26.01 15.69
N ALA A 40 -11.39 -27.08 15.67
CA ALA A 40 -11.34 -28.03 14.58
C ALA A 40 -12.61 -27.95 13.72
N GLN A 41 -13.42 -26.86 13.88
CA GLN A 41 -14.55 -26.66 12.99
C GLN A 41 -14.00 -26.05 11.68
N ARG A 42 -14.53 -26.48 10.54
CA ARG A 42 -14.04 -25.96 9.23
C ARG A 42 -14.71 -24.62 8.87
N PHE A 43 -13.90 -23.60 8.54
CA PHE A 43 -14.41 -22.30 8.12
C PHE A 43 -13.78 -21.99 6.77
N ALA A 44 -14.52 -21.16 6.00
CA ALA A 44 -13.96 -20.65 4.73
C ALA A 44 -12.73 -19.77 5.00
N MET A 45 -11.61 -20.06 4.33
CA MET A 45 -10.40 -19.25 4.51
C MET A 45 -10.69 -17.80 4.10
N CYS A 46 -11.37 -17.65 2.96
CA CYS A 46 -11.45 -16.39 2.23
CA CYS A 46 -11.48 -16.29 2.39
C CYS A 46 -10.05 -15.79 2.16
N SER A 47 -9.87 -14.47 2.30
CA SER A 47 -8.60 -13.89 1.87
C SER A 47 -7.44 -14.27 2.81
N THR A 48 -7.68 -15.01 3.92
CA THR A 48 -6.58 -15.36 4.81
C THR A 48 -5.54 -16.22 4.06
N PHE A 49 -5.98 -16.96 2.99
CA PHE A 49 -5.01 -17.82 2.32
C PHE A 49 -3.89 -17.03 1.64
N LYS A 50 -4.15 -15.73 1.46
CA LYS A 50 -3.19 -14.94 0.72
C LYS A 50 -1.86 -14.83 1.43
N PHE A 51 -1.87 -14.99 2.74
CA PHE A 51 -0.62 -15.00 3.50
C PHE A 51 0.15 -16.30 3.16
N PRO A 52 -0.39 -17.52 3.37
CA PRO A 52 0.30 -18.74 2.87
C PRO A 52 0.68 -18.70 1.39
N LEU A 53 -0.12 -18.04 0.55
CA LEU A 53 0.24 -17.92 -0.87
C LEU A 53 1.54 -17.13 -1.05
N ALA A 54 1.68 -15.99 -0.33
CA ALA A 54 2.91 -15.24 -0.36
C ALA A 54 4.07 -16.08 0.19
N ALA A 55 3.82 -16.89 1.24
CA ALA A 55 4.90 -17.73 1.73
C ALA A 55 5.37 -18.71 0.65
N LEU A 56 4.45 -19.31 -0.07
CA LEU A 56 4.75 -20.25 -1.16
C LEU A 56 5.65 -19.52 -2.18
N VAL A 57 5.24 -18.28 -2.56
CA VAL A 57 6.02 -17.49 -3.54
C VAL A 57 7.40 -17.17 -3.00
N PHE A 58 7.48 -16.79 -1.71
CA PHE A 58 8.79 -16.47 -1.19
C PHE A 58 9.68 -17.73 -1.20
N GLU A 59 9.11 -18.91 -0.90
CA GLU A 59 9.91 -20.13 -0.85
C GLU A 59 10.46 -20.40 -2.27
N ARG A 60 9.63 -20.19 -3.29
CA ARG A 60 10.12 -20.39 -4.65
C ARG A 60 11.24 -19.40 -4.98
N ILE A 61 11.10 -18.15 -4.55
CA ILE A 61 12.19 -17.20 -4.75
C ILE A 61 13.44 -17.66 -4.01
N ASP A 62 13.31 -18.01 -2.72
CA ASP A 62 14.40 -18.55 -1.88
C ASP A 62 15.11 -19.69 -2.68
N SER A 63 14.31 -20.55 -3.36
CA SER A 63 14.83 -21.74 -4.03
CA SER A 63 14.80 -21.75 -4.03
C SER A 63 15.38 -21.45 -5.43
N GLY A 64 15.25 -20.19 -5.88
CA GLY A 64 15.75 -19.89 -7.23
C GLY A 64 14.85 -20.39 -8.36
N THR A 65 13.59 -20.81 -8.05
CA THR A 65 12.60 -21.26 -9.01
CA THR A 65 12.68 -21.22 -9.09
C THR A 65 11.75 -20.08 -9.47
N GLU A 66 11.81 -18.95 -8.76
CA GLU A 66 11.05 -17.77 -9.14
C GLU A 66 11.97 -16.59 -8.86
N ARG A 67 11.66 -15.39 -9.41
CA ARG A 67 12.41 -14.21 -9.02
C ARG A 67 11.42 -13.07 -8.79
N GLY A 68 11.68 -12.26 -7.73
CA GLY A 68 10.69 -11.31 -7.29
C GLY A 68 10.42 -10.22 -8.33
N ASP A 69 11.39 -9.93 -9.20
CA ASP A 69 11.25 -8.88 -10.22
C ASP A 69 10.68 -9.42 -11.52
N ARG A 70 10.29 -10.71 -11.58
CA ARG A 70 9.75 -11.19 -12.84
C ARG A 70 8.40 -10.52 -13.13
N LYS A 71 8.22 -10.07 -14.36
CA LYS A 71 7.05 -9.36 -14.77
C LYS A 71 5.97 -10.33 -15.26
N LEU A 72 4.78 -10.14 -14.74
CA LEU A 72 3.65 -11.03 -15.02
C LEU A 72 2.66 -10.24 -15.84
N SER A 73 2.51 -10.68 -17.08
CA SER A 73 1.68 -10.00 -18.06
C SER A 73 0.22 -10.36 -17.84
N TYR A 74 -0.68 -9.35 -18.02
CA TYR A 74 -2.11 -9.67 -17.96
C TYR A 74 -2.94 -8.57 -18.63
N GLY A 75 -4.22 -8.92 -18.90
CA GLY A 75 -5.09 -7.95 -19.49
C GLY A 75 -6.28 -7.68 -18.58
N PRO A 76 -7.25 -6.89 -19.08
CA PRO A 76 -8.46 -6.51 -18.32
C PRO A 76 -9.27 -7.71 -17.79
N ASP A 77 -9.03 -8.88 -18.40
CA ASP A 77 -9.72 -10.12 -18.00
C ASP A 77 -9.30 -10.52 -16.58
N MET A 78 -8.15 -10.02 -16.08
CA MET A 78 -7.68 -10.44 -14.76
CA MET A 78 -7.61 -10.37 -14.77
C MET A 78 -8.24 -9.51 -13.67
N ILE A 79 -8.99 -8.47 -14.05
CA ILE A 79 -9.52 -7.55 -13.01
C ILE A 79 -10.85 -8.09 -12.53
N VAL A 80 -10.87 -8.53 -11.28
CA VAL A 80 -12.10 -8.99 -10.68
C VAL A 80 -12.45 -7.99 -9.58
N GLU A 81 -13.54 -8.28 -8.87
CA GLU A 81 -13.94 -7.43 -7.72
C GLU A 81 -12.75 -7.30 -6.74
N TRP A 82 -12.57 -6.10 -6.19
CA TRP A 82 -11.50 -5.77 -5.24
C TRP A 82 -10.11 -6.10 -5.80
N SER A 83 -9.67 -5.34 -6.79
CA SER A 83 -8.37 -5.53 -7.40
C SER A 83 -7.74 -4.15 -7.54
N PRO A 84 -7.58 -3.38 -6.42
CA PRO A 84 -7.13 -1.96 -6.59
C PRO A 84 -5.74 -1.73 -7.21
N ALA A 85 -4.77 -2.54 -6.80
CA ALA A 85 -3.42 -2.44 -7.37
C ALA A 85 -3.43 -2.95 -8.82
N THR A 86 -4.07 -4.11 -9.00
CA THR A 86 -4.10 -4.71 -10.33
C THR A 86 -4.67 -3.74 -11.37
N GLU A 87 -5.71 -3.02 -10.95
CA GLU A 87 -6.30 -2.03 -11.87
C GLU A 87 -5.32 -0.89 -12.13
N ARG A 88 -4.58 -0.42 -11.10
CA ARG A 88 -3.61 0.65 -11.34
C ARG A 88 -2.50 0.24 -12.30
N PHE A 89 -2.06 -1.04 -12.20
CA PHE A 89 -0.95 -1.48 -13.03
C PHE A 89 -1.41 -1.97 -14.41
N LEU A 90 -2.73 -2.01 -14.64
CA LEU A 90 -3.25 -2.62 -15.88
C LEU A 90 -2.72 -1.95 -17.17
N ALA A 91 -2.66 -0.61 -17.20
CA ALA A 91 -2.20 0.03 -18.42
C ALA A 91 -0.74 -0.35 -18.77
N SER A 92 0.09 -0.49 -17.70
CA SER A 92 1.47 -0.86 -17.91
C SER A 92 1.55 -2.32 -18.42
N GLY A 93 0.51 -3.12 -18.16
CA GLY A 93 0.42 -4.46 -18.75
C GLY A 93 0.96 -5.55 -17.84
N HIS A 94 1.50 -5.22 -16.61
CA HIS A 94 2.12 -6.26 -15.82
C HIS A 94 2.18 -5.78 -14.36
N MET A 95 2.42 -6.78 -13.54
CA MET A 95 2.89 -6.58 -12.18
CA MET A 95 2.89 -6.58 -12.18
C MET A 95 4.04 -7.55 -11.98
N THR A 96 5.02 -7.16 -11.16
CA THR A 96 6.05 -8.14 -10.86
C THR A 96 5.50 -9.09 -9.81
N VAL A 97 6.15 -10.26 -9.71
CA VAL A 97 5.81 -11.22 -8.67
C VAL A 97 5.70 -10.51 -7.32
N LEU A 98 6.70 -9.71 -6.93
CA LEU A 98 6.66 -9.12 -5.58
C LEU A 98 5.58 -8.03 -5.45
N GLU A 99 5.36 -7.27 -6.54
CA GLU A 99 4.25 -6.30 -6.47
C GLU A 99 2.93 -7.02 -6.25
N ALA A 100 2.72 -8.12 -7.00
CA ALA A 100 1.48 -8.90 -6.83
C ALA A 100 1.36 -9.49 -5.42
N ALA A 101 2.47 -10.05 -4.92
CA ALA A 101 2.42 -10.63 -3.58
C ALA A 101 2.11 -9.55 -2.52
N GLN A 102 2.79 -8.38 -2.67
CA GLN A 102 2.57 -7.36 -1.64
C GLN A 102 1.10 -6.89 -1.72
N ALA A 103 0.55 -6.71 -2.96
CA ALA A 103 -0.85 -6.25 -3.05
C ALA A 103 -1.79 -7.32 -2.50
N ALA A 104 -1.47 -8.62 -2.76
CA ALA A 104 -2.31 -9.70 -2.23
C ALA A 104 -2.33 -9.68 -0.69
N VAL A 105 -1.15 -9.51 -0.08
CA VAL A 105 -1.07 -9.61 1.36
C VAL A 105 -1.60 -8.34 2.04
N GLN A 106 -1.17 -7.16 1.50
CA GLN A 106 -1.46 -5.89 2.23
C GLN A 106 -2.73 -5.17 1.80
N LEU A 107 -3.22 -5.46 0.61
CA LEU A 107 -4.46 -4.80 0.15
C LEU A 107 -5.54 -5.87 -0.04
N SER A 108 -5.20 -7.16 0.09
CA SER A 108 -6.12 -8.26 -0.21
C SER A 108 -6.54 -8.23 -1.69
N ASP A 109 -5.66 -7.74 -2.59
CA ASP A 109 -6.07 -7.57 -4.00
C ASP A 109 -6.32 -8.92 -4.65
N ASN A 110 -7.52 -9.11 -5.21
CA ASN A 110 -7.97 -10.41 -5.73
C ASN A 110 -7.32 -10.71 -7.08
N GLY A 111 -7.20 -9.69 -7.97
CA GLY A 111 -6.56 -9.94 -9.24
C GLY A 111 -5.07 -10.26 -9.11
N ALA A 112 -4.40 -9.64 -8.12
CA ALA A 112 -2.98 -9.93 -7.91
C ALA A 112 -2.83 -11.36 -7.35
N THR A 113 -3.78 -11.74 -6.49
CA THR A 113 -3.76 -13.10 -5.97
C THR A 113 -3.94 -14.09 -7.14
N ASN A 114 -4.91 -13.82 -8.03
CA ASN A 114 -5.16 -14.71 -9.16
C ASN A 114 -4.00 -14.77 -10.12
N LEU A 115 -3.32 -13.62 -10.35
CA LEU A 115 -2.06 -13.66 -11.06
C LEU A 115 -1.03 -14.65 -10.50
N LEU A 116 -0.77 -14.63 -9.17
CA LEU A 116 0.16 -15.57 -8.57
C LEU A 116 -0.41 -16.98 -8.72
N LEU A 117 -1.72 -17.20 -8.48
CA LEU A 117 -2.22 -18.57 -8.65
C LEU A 117 -1.94 -19.05 -10.08
N ARG A 118 -2.12 -18.18 -11.09
CA ARG A 118 -1.85 -18.61 -12.46
C ARG A 118 -0.40 -19.10 -12.57
N GLU A 119 0.54 -18.35 -11.96
CA GLU A 119 1.94 -18.68 -12.18
C GLU A 119 2.34 -19.96 -11.44
N ILE A 120 1.66 -20.32 -10.33
CA ILE A 120 2.11 -21.49 -9.60
C ILE A 120 1.38 -22.74 -10.05
N GLY A 121 0.36 -22.60 -10.92
CA GLY A 121 -0.37 -23.78 -11.37
C GLY A 121 -1.72 -23.95 -10.69
N GLY A 122 -2.22 -22.89 -10.05
CA GLY A 122 -3.62 -22.83 -9.64
C GLY A 122 -3.82 -23.35 -8.22
N PRO A 123 -5.12 -23.46 -7.82
CA PRO A 123 -5.48 -23.93 -6.49
C PRO A 123 -4.79 -25.22 -6.08
N ALA A 124 -4.65 -26.17 -7.02
CA ALA A 124 -4.04 -27.44 -6.64
C ALA A 124 -2.63 -27.21 -6.08
N ALA A 125 -1.93 -26.20 -6.63
CA ALA A 125 -0.57 -25.94 -6.19
C ALA A 125 -0.57 -25.30 -4.81
N MET A 126 -1.59 -24.46 -4.53
CA MET A 126 -1.63 -23.86 -3.20
C MET A 126 -1.88 -24.99 -2.17
N THR A 127 -2.81 -25.88 -2.53
CA THR A 127 -3.06 -27.00 -1.63
C THR A 127 -1.82 -27.85 -1.40
N GLN A 128 -1.09 -28.13 -2.49
CA GLN A 128 0.11 -28.93 -2.33
C GLN A 128 1.12 -28.28 -1.40
N TYR A 129 1.17 -26.92 -1.41
CA TYR A 129 2.08 -26.24 -0.50
C TYR A 129 1.61 -26.41 0.95
N PHE A 130 0.29 -26.30 1.24
CA PHE A 130 -0.17 -26.62 2.59
C PHE A 130 0.33 -28.01 2.97
N ARG A 131 0.11 -28.99 2.08
CA ARG A 131 0.48 -30.36 2.47
C ARG A 131 1.98 -30.47 2.77
N LYS A 132 2.81 -29.78 1.96
CA LYS A 132 4.27 -29.79 2.07
C LYS A 132 4.70 -29.29 3.44
N ILE A 133 4.01 -28.22 3.92
CA ILE A 133 4.41 -27.69 5.20
C ILE A 133 3.76 -28.43 6.40
N GLY A 134 3.02 -29.50 6.17
CA GLY A 134 2.48 -30.34 7.24
C GLY A 134 0.99 -30.07 7.56
N ASP A 135 0.33 -29.22 6.76
CA ASP A 135 -1.07 -28.92 6.99
C ASP A 135 -1.91 -29.86 6.13
N SER A 136 -2.58 -30.83 6.75
CA SER A 136 -3.38 -31.79 6.03
C SER A 136 -4.84 -31.41 5.96
N VAL A 137 -5.19 -30.16 6.31
CA VAL A 137 -6.59 -29.77 6.43
C VAL A 137 -6.90 -28.65 5.42
N SER A 138 -6.06 -27.58 5.41
CA SER A 138 -6.42 -26.43 4.57
C SER A 138 -6.44 -26.85 3.09
N ARG A 139 -7.39 -26.30 2.34
CA ARG A 139 -7.51 -26.67 0.92
C ARG A 139 -7.93 -25.45 0.12
N LEU A 140 -7.24 -25.19 -1.01
CA LEU A 140 -7.77 -24.17 -1.89
C LEU A 140 -8.31 -24.94 -3.10
N ASP A 141 -9.54 -24.63 -3.47
CA ASP A 141 -10.21 -25.26 -4.62
C ASP A 141 -10.39 -24.32 -5.80
N ARG A 142 -10.62 -23.00 -5.52
CA ARG A 142 -11.05 -22.05 -6.53
C ARG A 142 -10.20 -20.79 -6.40
N LYS A 143 -10.23 -19.98 -7.45
CA LYS A 143 -9.58 -18.69 -7.41
C LYS A 143 -10.54 -17.66 -6.83
N GLU A 144 -10.06 -16.41 -6.70
CA GLU A 144 -10.90 -15.36 -6.19
C GLU A 144 -11.74 -14.78 -7.30
N PRO A 145 -12.97 -14.27 -7.04
CA PRO A 145 -13.54 -14.16 -5.70
C PRO A 145 -14.40 -15.35 -5.29
N GLU A 146 -14.61 -16.34 -6.21
CA GLU A 146 -15.58 -17.41 -5.90
C GLU A 146 -15.14 -18.24 -4.66
N MET A 147 -13.83 -18.31 -4.41
CA MET A 147 -13.37 -19.05 -3.24
C MET A 147 -13.90 -18.44 -1.94
N SER A 148 -14.40 -17.19 -1.99
CA SER A 148 -14.94 -16.50 -0.80
C SER A 148 -16.44 -16.62 -0.67
N ASP A 149 -17.07 -17.49 -1.44
CA ASP A 149 -18.52 -17.65 -1.38
C ASP A 149 -18.99 -18.09 0.02
N ASN A 150 -18.23 -18.97 0.70
CA ASN A 150 -18.57 -19.39 2.07
C ASN A 150 -20.00 -19.95 2.10
N THR A 151 -20.36 -20.77 1.09
CA THR A 151 -21.70 -21.34 1.10
C THR A 151 -21.82 -22.30 2.27
N PRO A 152 -22.85 -22.21 3.15
CA PRO A 152 -22.89 -23.14 4.27
C PRO A 152 -22.81 -24.59 3.82
N GLY A 153 -21.98 -25.30 4.53
CA GLY A 153 -21.81 -26.72 4.28
C GLY A 153 -20.77 -27.02 3.22
N ASP A 154 -20.27 -25.99 2.50
CA ASP A 154 -19.37 -26.29 1.40
C ASP A 154 -17.96 -26.36 1.98
N LEU A 155 -17.28 -27.54 1.84
CA LEU A 155 -15.92 -27.69 2.38
C LEU A 155 -14.82 -27.20 1.43
N ARG A 156 -15.15 -26.75 0.22
CA ARG A 156 -14.11 -26.21 -0.66
C ARG A 156 -13.54 -24.93 -0.01
N ASP A 157 -12.22 -24.73 -0.19
CA ASP A 157 -11.65 -23.44 0.21
C ASP A 157 -11.67 -23.24 1.74
N THR A 158 -11.65 -24.31 2.52
CA THR A 158 -11.74 -24.27 3.97
C THR A 158 -10.41 -24.58 4.67
N THR A 159 -10.36 -24.19 5.94
CA THR A 159 -9.32 -24.58 6.88
C THR A 159 -10.02 -24.81 8.23
N THR A 160 -9.22 -25.10 9.24
CA THR A 160 -9.70 -25.01 10.61
C THR A 160 -8.84 -24.01 11.36
N PRO A 161 -9.36 -23.44 12.48
CA PRO A 161 -8.50 -22.53 13.24
C PRO A 161 -7.18 -23.19 13.65
N ILE A 162 -7.22 -24.44 14.18
CA ILE A 162 -5.98 -25.05 14.62
C ILE A 162 -5.04 -25.33 13.44
N ALA A 163 -5.57 -25.83 12.28
CA ALA A 163 -4.65 -26.11 11.17
C ALA A 163 -3.99 -24.82 10.69
N MET A 164 -4.78 -23.74 10.57
CA MET A 164 -4.21 -22.51 10.00
C MET A 164 -3.28 -21.87 11.02
N ALA A 165 -3.61 -21.90 12.35
CA ALA A 165 -2.67 -21.33 13.32
C ALA A 165 -1.33 -22.07 13.25
N ARG A 166 -1.39 -23.41 13.08
CA ARG A 166 -0.16 -24.18 13.00
C ARG A 166 0.56 -23.86 11.70
N THR A 167 -0.17 -23.62 10.60
CA THR A 167 0.47 -23.16 9.36
C THR A 167 1.14 -21.79 9.55
N VAL A 168 0.49 -20.87 10.27
CA VAL A 168 1.17 -19.60 10.52
C VAL A 168 2.45 -19.80 11.34
N ALA A 169 2.36 -20.60 12.41
CA ALA A 169 3.54 -20.89 13.24
C ALA A 169 4.65 -21.54 12.41
N LYS A 170 4.28 -22.43 11.47
CA LYS A 170 5.32 -23.12 10.70
C LYS A 170 6.02 -22.11 9.76
N VAL A 171 5.22 -21.19 9.16
CA VAL A 171 5.79 -20.19 8.27
C VAL A 171 6.70 -19.22 9.03
N LEU A 172 6.25 -18.76 10.21
CA LEU A 172 7.02 -17.71 10.89
C LEU A 172 8.10 -18.21 11.83
N TYR A 173 7.89 -19.37 12.46
CA TYR A 173 8.79 -19.82 13.54
C TYR A 173 9.39 -21.19 13.20
N GLY A 174 8.78 -21.89 12.22
CA GLY A 174 9.10 -23.29 12.00
C GLY A 174 10.10 -23.55 10.87
N GLY A 175 10.73 -22.49 10.38
CA GLY A 175 11.76 -22.60 9.33
C GLY A 175 11.25 -22.97 7.93
N ALA A 176 10.00 -22.68 7.62
CA ALA A 176 9.54 -22.83 6.24
C ALA A 176 10.28 -21.89 5.26
N LEU A 177 10.75 -20.71 5.73
CA LEU A 177 11.36 -19.70 4.87
C LEU A 177 12.76 -19.42 5.41
N THR A 178 13.61 -18.87 4.51
CA THR A 178 14.90 -18.35 4.92
C THR A 178 14.70 -17.28 5.99
N SER A 179 15.75 -16.97 6.76
CA SER A 179 15.59 -15.98 7.81
CA SER A 179 15.66 -15.96 7.80
CA SER A 179 15.69 -15.95 7.80
C SER A 179 15.21 -14.63 7.20
N THR A 180 15.80 -14.27 6.04
CA THR A 180 15.45 -13.07 5.24
C THR A 180 13.97 -13.04 4.86
N SER A 181 13.49 -14.09 4.20
CA SER A 181 12.11 -14.19 3.78
C SER A 181 11.12 -14.21 4.95
N THR A 182 11.51 -14.84 6.08
CA THR A 182 10.64 -14.85 7.21
C THR A 182 10.48 -13.41 7.73
N HIS A 183 11.57 -12.68 7.84
CA HIS A 183 11.56 -11.34 8.35
C HIS A 183 10.71 -10.48 7.40
N THR A 184 10.88 -10.63 6.10
CA THR A 184 10.10 -9.83 5.15
C THR A 184 8.62 -10.12 5.34
N ILE A 185 8.24 -11.41 5.44
CA ILE A 185 6.80 -11.66 5.45
C ILE A 185 6.23 -11.16 6.78
N GLU A 186 6.98 -11.24 7.88
CA GLU A 186 6.56 -10.63 9.13
CA GLU A 186 6.56 -10.63 9.13
C GLU A 186 6.32 -9.12 8.97
N ARG A 187 7.25 -8.46 8.28
CA ARG A 187 7.17 -6.99 8.04
C ARG A 187 5.95 -6.68 7.16
N TRP A 188 5.63 -7.55 6.21
CA TRP A 188 4.47 -7.29 5.35
C TRP A 188 3.19 -7.44 6.17
N LEU A 189 3.15 -8.46 7.04
CA LEU A 189 1.96 -8.66 7.85
C LEU A 189 1.73 -7.49 8.83
N ILE A 190 2.80 -6.98 9.41
CA ILE A 190 2.62 -5.83 10.32
C ILE A 190 2.10 -4.66 9.51
N GLY A 191 2.59 -4.47 8.29
CA GLY A 191 2.15 -3.33 7.49
C GLY A 191 0.86 -3.59 6.73
N ASN A 192 0.18 -4.71 6.97
CA ASN A 192 -1.11 -4.93 6.33
C ASN A 192 -2.02 -3.71 6.42
N GLN A 193 -2.74 -3.36 5.34
CA GLN A 193 -3.53 -2.13 5.40
C GLN A 193 -4.99 -2.39 5.72
N THR A 194 -5.41 -3.65 5.90
CA THR A 194 -6.82 -3.96 5.95
C THR A 194 -7.26 -4.45 7.33
N GLY A 195 -6.35 -4.49 8.32
CA GLY A 195 -6.64 -5.10 9.61
C GLY A 195 -6.78 -4.10 10.77
N ASP A 196 -6.89 -2.78 10.48
CA ASP A 196 -6.83 -1.87 11.63
C ASP A 196 -8.03 -1.99 12.58
N ALA A 197 -9.15 -2.51 12.08
CA ALA A 197 -10.37 -2.56 12.87
C ALA A 197 -10.64 -3.98 13.39
N THR A 198 -9.75 -4.88 13.17
CA THR A 198 -10.01 -6.27 13.51
C THR A 198 -9.15 -6.63 14.72
N LEU A 199 -8.52 -7.85 14.68
CA LEU A 199 -7.75 -8.32 15.85
C LEU A 199 -6.86 -7.28 16.49
N ARG A 200 -6.13 -6.52 15.66
CA ARG A 200 -5.21 -5.48 16.16
C ARG A 200 -5.97 -4.51 17.09
N ALA A 201 -7.20 -4.14 16.73
CA ALA A 201 -8.03 -3.20 17.50
C ALA A 201 -8.38 -3.79 18.87
N GLY A 202 -8.15 -5.08 19.11
CA GLY A 202 -8.46 -5.66 20.41
C GLY A 202 -7.24 -6.05 21.22
N PHE A 203 -6.04 -5.77 20.69
CA PHE A 203 -4.81 -6.13 21.35
C PHE A 203 -4.14 -4.91 22.00
N PRO A 204 -3.34 -5.15 23.06
CA PRO A 204 -2.50 -4.07 23.62
C PRO A 204 -1.63 -3.43 22.56
N LYS A 205 -1.28 -2.17 22.80
CA LYS A 205 -0.68 -1.38 21.72
C LYS A 205 0.83 -1.56 21.69
N ASP A 206 1.41 -2.24 22.70
CA ASP A 206 2.84 -2.56 22.66
C ASP A 206 3.11 -3.97 22.11
N TRP A 207 2.07 -4.78 21.88
CA TRP A 207 2.30 -6.10 21.28
C TRP A 207 2.70 -5.85 19.82
N VAL A 208 3.62 -6.63 19.28
CA VAL A 208 3.97 -6.56 17.88
C VAL A 208 3.12 -7.58 17.11
N VAL A 209 2.18 -7.08 16.31
CA VAL A 209 1.15 -7.90 15.67
CA VAL A 209 1.20 -7.94 15.67
C VAL A 209 1.24 -7.73 14.16
N GLY A 210 1.09 -8.85 13.46
CA GLY A 210 0.92 -8.75 12.02
C GLY A 210 -0.14 -9.75 11.61
N GLU A 211 -0.96 -9.45 10.61
CA GLU A 211 -2.07 -10.34 10.37
C GLU A 211 -2.52 -10.12 8.95
N LYS A 212 -3.38 -11.08 8.50
CA LYS A 212 -4.07 -11.05 7.23
C LYS A 212 -5.55 -11.31 7.51
N THR A 213 -6.39 -10.37 7.06
CA THR A 213 -7.83 -10.48 7.18
C THR A 213 -8.45 -11.32 6.07
N GLY A 214 -9.67 -11.77 6.36
CA GLY A 214 -10.52 -12.25 5.27
C GLY A 214 -11.97 -11.84 5.48
N THR A 215 -12.65 -11.67 4.34
CA THR A 215 -14.05 -11.34 4.35
C THR A 215 -14.71 -12.28 3.37
N CYS A 216 -15.79 -12.93 3.80
CA CYS A 216 -16.49 -13.91 3.01
CA CYS A 216 -16.46 -13.80 2.86
C CYS A 216 -17.92 -13.43 2.81
N ALA A 217 -18.59 -13.94 1.76
CA ALA A 217 -20.03 -13.86 1.71
C ALA A 217 -20.63 -14.63 2.89
N ASN A 218 -21.95 -14.42 3.13
CA ASN A 218 -22.62 -15.16 4.19
C ASN A 218 -22.01 -14.81 5.55
N GLY A 219 -21.43 -13.63 5.67
CA GLY A 219 -21.08 -13.14 6.98
C GLY A 219 -19.74 -13.63 7.53
N GLY A 220 -18.82 -14.13 6.69
CA GLY A 220 -17.55 -14.53 7.27
C GLY A 220 -16.57 -13.37 7.44
N ARG A 221 -15.89 -13.36 8.58
CA ARG A 221 -14.92 -12.31 8.80
C ARG A 221 -13.81 -12.98 9.64
N ASN A 222 -12.56 -12.98 9.10
CA ASN A 222 -11.52 -13.82 9.67
C ASN A 222 -10.26 -12.95 9.84
N ASP A 223 -9.30 -13.41 10.65
CA ASP A 223 -8.05 -12.67 10.79
C ASP A 223 -7.06 -13.71 11.32
N ILE A 224 -5.89 -13.84 10.69
CA ILE A 224 -4.88 -14.78 11.13
C ILE A 224 -3.55 -14.07 11.14
N GLY A 225 -2.63 -14.50 12.00
CA GLY A 225 -1.32 -13.84 12.05
C GLY A 225 -0.60 -14.18 13.33
N PHE A 226 0.21 -13.24 13.78
CA PHE A 226 1.07 -13.54 14.92
C PHE A 226 1.03 -12.35 15.86
N PHE A 227 1.42 -12.58 17.11
CA PHE A 227 1.67 -11.46 18.00
C PHE A 227 2.81 -11.80 18.93
N LYS A 228 3.62 -10.80 19.28
CA LYS A 228 4.67 -10.92 20.28
C LYS A 228 4.19 -10.16 21.51
N ALA A 229 4.05 -10.89 22.62
CA ALA A 229 3.49 -10.33 23.84
C ALA A 229 4.43 -10.75 24.95
N GLN A 230 4.98 -9.78 25.65
CA GLN A 230 5.90 -9.99 26.77
C GLN A 230 6.90 -11.10 26.53
N GLU A 231 7.73 -10.91 25.49
CA GLU A 231 8.89 -11.75 25.21
C GLU A 231 8.46 -13.13 24.74
N ARG A 232 7.16 -13.35 24.52
CA ARG A 232 6.72 -14.63 23.96
C ARG A 232 6.06 -14.39 22.60
N ASP A 233 6.27 -15.34 21.70
CA ASP A 233 5.69 -15.29 20.36
C ASP A 233 4.50 -16.24 20.30
N TYR A 234 3.47 -15.85 19.51
CA TYR A 234 2.28 -16.68 19.34
C TYR A 234 1.81 -16.59 17.91
N ALA A 235 1.18 -17.64 17.41
CA ALA A 235 0.44 -17.63 16.16
C ALA A 235 -1.05 -17.75 16.50
N VAL A 236 -1.90 -17.07 15.71
CA VAL A 236 -3.31 -17.05 16.02
C VAL A 236 -4.10 -17.13 14.74
N ALA A 237 -5.21 -17.85 14.82
CA ALA A 237 -6.16 -17.84 13.72
C ALA A 237 -7.54 -17.66 14.32
N VAL A 238 -8.28 -16.67 13.80
CA VAL A 238 -9.65 -16.38 14.14
C VAL A 238 -10.50 -16.40 12.88
N TYR A 239 -11.55 -17.25 12.93
CA TYR A 239 -12.53 -17.38 11.88
C TYR A 239 -13.90 -17.14 12.51
N THR A 240 -14.70 -16.28 11.89
CA THR A 240 -16.03 -16.02 12.42
C THR A 240 -17.05 -16.02 11.28
N THR A 241 -18.31 -16.38 11.61
CA THR A 241 -19.43 -16.29 10.69
C THR A 241 -20.58 -15.63 11.45
N ALA A 242 -21.07 -14.50 10.93
CA ALA A 242 -22.08 -13.71 11.63
C ALA A 242 -22.95 -12.99 10.61
N PRO A 243 -23.86 -13.76 9.96
CA PRO A 243 -24.60 -13.25 8.81
C PRO A 243 -25.55 -12.11 9.19
N LYS A 244 -25.92 -11.98 10.46
CA LYS A 244 -26.91 -10.99 10.88
C LYS A 244 -26.25 -9.68 11.34
N LEU A 245 -24.91 -9.62 11.39
CA LEU A 245 -24.19 -8.40 11.76
C LEU A 245 -23.90 -7.57 10.52
N SER A 246 -23.79 -6.23 10.75
CA SER A 246 -23.27 -5.38 9.70
C SER A 246 -21.76 -5.59 9.56
N ALA A 247 -21.20 -5.06 8.49
CA ALA A 247 -19.78 -5.21 8.25
C ALA A 247 -18.98 -4.58 9.39
N VAL A 248 -19.41 -3.41 9.89
CA VAL A 248 -18.72 -2.77 11.01
C VAL A 248 -18.81 -3.66 12.24
N GLU A 249 -20.00 -4.23 12.46
CA GLU A 249 -20.19 -5.07 13.64
C GLU A 249 -19.32 -6.35 13.56
N ARG A 250 -19.09 -6.88 12.35
CA ARG A 250 -18.23 -8.05 12.20
C ARG A 250 -16.78 -7.68 12.55
N ASP A 251 -16.32 -6.48 12.12
CA ASP A 251 -14.99 -6.03 12.58
C ASP A 251 -14.95 -5.95 14.11
N GLU A 252 -15.96 -5.31 14.70
CA GLU A 252 -16.03 -5.18 16.16
C GLU A 252 -16.01 -6.56 16.82
N LEU A 253 -16.72 -7.55 16.24
CA LEU A 253 -16.69 -8.88 16.84
C LEU A 253 -15.26 -9.43 16.87
N VAL A 254 -14.53 -9.30 15.75
CA VAL A 254 -13.16 -9.81 15.72
C VAL A 254 -12.26 -9.00 16.65
N ALA A 255 -12.45 -7.66 16.73
CA ALA A 255 -11.74 -6.92 17.78
C ALA A 255 -12.09 -7.43 19.19
N SER A 256 -13.36 -7.76 19.45
CA SER A 256 -13.76 -8.27 20.78
C SER A 256 -13.13 -9.64 21.07
N VAL A 257 -13.05 -10.51 20.03
CA VAL A 257 -12.29 -11.75 20.20
C VAL A 257 -10.83 -11.43 20.50
N GLY A 258 -10.26 -10.37 19.87
CA GLY A 258 -8.88 -9.95 20.19
C GLY A 258 -8.74 -9.65 21.70
N GLN A 259 -9.73 -8.97 22.28
CA GLN A 259 -9.69 -8.60 23.72
C GLN A 259 -9.82 -9.84 24.60
N VAL A 260 -10.66 -10.80 24.20
CA VAL A 260 -10.77 -12.04 24.98
C VAL A 260 -9.46 -12.83 24.93
N ILE A 261 -8.82 -12.87 23.74
CA ILE A 261 -7.49 -13.48 23.63
C ILE A 261 -6.53 -12.78 24.59
N THR A 262 -6.57 -11.44 24.58
CA THR A 262 -5.59 -10.69 25.37
C THR A 262 -5.75 -11.04 26.85
N GLN A 263 -6.98 -11.14 27.32
CA GLN A 263 -7.19 -11.48 28.74
C GLN A 263 -6.64 -12.86 29.08
N LEU A 264 -6.76 -13.79 28.15
CA LEU A 264 -6.19 -15.11 28.42
C LEU A 264 -4.68 -14.98 28.50
N ILE A 265 -4.09 -14.32 27.50
CA ILE A 265 -2.63 -14.26 27.44
C ILE A 265 -2.10 -13.58 28.70
N LEU A 266 -2.73 -12.50 29.15
CA LEU A 266 -2.21 -11.77 30.29
C LEU A 266 -2.34 -12.63 31.55
N SER A 267 -3.27 -13.59 31.57
CA SER A 267 -3.49 -14.44 32.74
C SER A 267 -2.38 -15.47 32.90
N THR A 268 -1.59 -15.71 31.85
CA THR A 268 -0.61 -16.78 31.87
C THR A 268 0.80 -16.18 31.93
N SER B 2 -3.77 26.68 -33.13
CA SER B 2 -2.73 25.98 -32.37
C SER B 2 -3.41 25.18 -31.25
N GLU B 3 -3.07 23.89 -31.14
CA GLU B 3 -3.53 23.11 -30.00
C GLU B 3 -3.10 23.75 -28.66
N LYS B 4 -1.98 24.48 -28.63
CA LYS B 4 -1.54 25.08 -27.37
C LYS B 4 -2.49 26.23 -26.97
N LEU B 5 -3.08 26.93 -27.94
CA LEU B 5 -4.06 27.95 -27.63
C LEU B 5 -5.38 27.33 -27.18
N THR B 6 -5.71 26.18 -27.76
CA THR B 6 -6.89 25.45 -27.26
C THR B 6 -6.68 24.99 -25.80
N PHE B 7 -5.48 24.50 -25.52
CA PHE B 7 -5.20 24.05 -24.17
C PHE B 7 -5.34 25.22 -23.19
N LYS B 8 -4.77 26.39 -23.56
CA LYS B 8 -4.85 27.58 -22.73
C LYS B 8 -6.31 27.93 -22.50
N THR B 9 -7.07 28.01 -23.59
CA THR B 9 -8.47 28.41 -23.46
C THR B 9 -9.26 27.46 -22.55
N ASP B 10 -9.02 26.15 -22.69
CA ASP B 10 -9.70 25.15 -21.89
C ASP B 10 -9.38 25.31 -20.39
N LEU B 11 -8.12 25.59 -20.05
CA LEU B 11 -7.81 25.78 -18.64
C LEU B 11 -8.45 27.06 -18.09
N GLU B 12 -8.49 28.12 -18.92
CA GLU B 12 -9.06 29.37 -18.43
C GLU B 12 -10.55 29.20 -18.16
N LYS B 13 -11.23 28.39 -18.98
CA LYS B 13 -12.63 28.07 -18.72
C LYS B 13 -12.82 27.38 -17.35
N LEU B 14 -12.02 26.35 -17.07
CA LEU B 14 -12.11 25.69 -15.77
C LEU B 14 -11.78 26.69 -14.66
N GLU B 15 -10.72 27.53 -14.86
CA GLU B 15 -10.39 28.48 -13.81
C GLU B 15 -11.59 29.37 -13.47
N ARG B 16 -12.19 29.96 -14.51
CA ARG B 16 -13.31 30.86 -14.25
CA ARG B 16 -13.34 30.85 -14.32
C ARG B 16 -14.47 30.09 -13.62
N GLU B 17 -14.82 28.94 -14.20
CA GLU B 17 -15.98 28.17 -13.76
C GLU B 17 -15.82 27.70 -12.33
N LYS B 18 -14.58 27.36 -11.92
CA LYS B 18 -14.38 26.72 -10.64
C LYS B 18 -13.77 27.69 -9.62
N ALA B 19 -13.59 28.96 -9.99
CA ALA B 19 -12.95 29.96 -9.13
C ALA B 19 -11.59 29.42 -8.66
N ALA B 20 -10.76 29.03 -9.62
CA ALA B 20 -9.55 28.29 -9.26
C ALA B 20 -8.39 28.91 -10.02
N GLN B 21 -7.17 28.72 -9.47
CA GLN B 21 -5.96 28.93 -10.26
C GLN B 21 -5.33 27.59 -10.56
N ILE B 22 -4.94 27.39 -11.82
CA ILE B 22 -4.41 26.09 -12.24
C ILE B 22 -3.02 26.36 -12.82
N GLY B 23 -2.02 25.76 -12.22
CA GLY B 23 -0.67 25.76 -12.78
C GLY B 23 -0.37 24.37 -13.38
N VAL B 24 0.10 24.39 -14.64
CA VAL B 24 0.44 23.14 -15.33
C VAL B 24 1.73 23.33 -16.10
N ALA B 25 2.57 22.31 -16.12
CA ALA B 25 3.60 22.24 -17.13
C ALA B 25 3.72 20.78 -17.59
N ILE B 26 3.79 20.62 -18.90
CA ILE B 26 4.02 19.32 -19.53
C ILE B 26 5.35 19.46 -20.26
N VAL B 27 6.30 18.57 -19.99
CA VAL B 27 7.60 18.60 -20.66
C VAL B 27 7.90 17.20 -21.20
N ASP B 28 8.76 17.18 -22.21
CA ASP B 28 9.24 15.92 -22.74
C ASP B 28 10.38 15.40 -21.86
N PRO B 29 10.99 14.24 -22.19
CA PRO B 29 11.93 13.62 -21.25
C PRO B 29 13.18 14.49 -21.02
N GLN B 30 13.45 15.40 -21.99
CA GLN B 30 14.59 16.30 -21.87
C GLN B 30 14.22 17.62 -21.16
N GLY B 31 12.97 17.78 -20.77
CA GLY B 31 12.57 19.00 -20.09
C GLY B 31 12.16 20.11 -21.05
N GLU B 32 11.98 19.76 -22.34
CA GLU B 32 11.43 20.77 -23.26
C GLU B 32 9.92 20.90 -23.06
N ILE B 33 9.45 22.15 -23.03
CA ILE B 33 8.06 22.45 -22.79
C ILE B 33 7.20 22.02 -23.97
N VAL B 34 6.14 21.23 -23.65
CA VAL B 34 5.07 20.94 -24.61
C VAL B 34 4.00 22.02 -24.50
N ALA B 35 3.51 22.28 -23.29
CA ALA B 35 2.58 23.39 -23.06
C ALA B 35 2.54 23.61 -21.56
N GLY B 36 2.09 24.78 -21.17
CA GLY B 36 1.82 25.00 -19.78
C GLY B 36 0.88 26.17 -19.57
N HIS B 37 0.61 26.44 -18.29
CA HIS B 37 -0.28 27.49 -17.85
C HIS B 37 0.22 27.90 -16.46
N ARG B 38 0.38 29.22 -16.25
CA ARG B 38 0.91 29.69 -14.98
C ARG B 38 2.20 28.97 -14.60
N MET B 39 3.04 28.67 -15.58
CA MET B 39 4.16 27.75 -15.38
C MET B 39 5.18 28.30 -14.40
N ALA B 40 5.29 29.63 -14.30
CA ALA B 40 6.29 30.22 -13.41
C ALA B 40 5.64 30.80 -12.15
N GLN B 41 4.35 30.54 -11.90
CA GLN B 41 3.66 30.95 -10.66
C GLN B 41 4.05 29.98 -9.54
N ARG B 42 4.29 30.52 -8.34
CA ARG B 42 4.70 29.65 -7.19
C ARG B 42 3.47 29.06 -6.48
N PHE B 43 3.42 27.74 -6.34
CA PHE B 43 2.34 27.04 -5.64
C PHE B 43 2.98 26.20 -4.52
N ALA B 44 2.24 25.96 -3.44
CA ALA B 44 2.72 25.09 -2.39
C ALA B 44 2.88 23.65 -2.92
N MET B 45 3.99 23.02 -2.59
CA MET B 45 4.19 21.65 -3.08
C MET B 45 3.22 20.70 -2.39
N CYS B 46 3.03 20.90 -1.11
CA CYS B 46 2.29 19.93 -0.28
C CYS B 46 2.91 18.54 -0.46
N SER B 47 2.10 17.50 -0.48
CA SER B 47 2.69 16.14 -0.44
C SER B 47 3.41 15.81 -1.74
N THR B 48 3.33 16.62 -2.81
CA THR B 48 4.03 16.24 -4.04
C THR B 48 5.53 16.12 -3.78
N PHE B 49 6.06 16.81 -2.74
CA PHE B 49 7.50 16.72 -2.52
C PHE B 49 7.93 15.34 -2.08
N LYS B 50 7.03 14.45 -1.67
CA LYS B 50 7.45 13.14 -1.19
C LYS B 50 8.06 12.36 -2.36
N PHE B 51 7.63 12.63 -3.60
CA PHE B 51 8.28 12.00 -4.76
C PHE B 51 9.77 12.38 -4.85
N PRO B 52 10.13 13.66 -5.01
CA PRO B 52 11.53 14.07 -4.93
C PRO B 52 12.23 13.58 -3.67
N LEU B 53 11.55 13.50 -2.53
CA LEU B 53 12.24 13.01 -1.34
C LEU B 53 12.67 11.54 -1.56
N ALA B 54 11.77 10.71 -2.09
CA ALA B 54 12.11 9.32 -2.36
C ALA B 54 13.26 9.27 -3.36
N ALA B 55 13.27 10.16 -4.38
CA ALA B 55 14.38 10.18 -5.34
C ALA B 55 15.70 10.48 -4.64
N LEU B 56 15.69 11.48 -3.72
CA LEU B 56 16.88 11.79 -2.93
C LEU B 56 17.35 10.54 -2.18
N VAL B 57 16.42 9.81 -1.52
CA VAL B 57 16.77 8.62 -0.77
C VAL B 57 17.35 7.58 -1.74
N PHE B 58 16.72 7.39 -2.90
CA PHE B 58 17.22 6.35 -3.79
C PHE B 58 18.62 6.73 -4.30
N GLU B 59 18.85 8.03 -4.57
CA GLU B 59 20.20 8.47 -4.92
C GLU B 59 21.22 8.07 -3.86
N ARG B 60 20.85 8.21 -2.58
N ARG B 60 20.85 8.21 -2.58
N ARG B 60 20.86 8.15 -2.58
CA ARG B 60 21.75 7.83 -1.50
CA ARG B 60 21.75 7.83 -1.50
CA ARG B 60 21.86 7.79 -1.58
C ARG B 60 22.04 6.32 -1.56
C ARG B 60 22.03 6.33 -1.57
C ARG B 60 22.05 6.28 -1.50
N ILE B 61 21.00 5.53 -1.80
CA ILE B 61 21.19 4.10 -1.95
C ILE B 61 22.11 3.81 -3.16
N ASP B 62 21.84 4.48 -4.30
CA ASP B 62 22.64 4.29 -5.52
C ASP B 62 24.12 4.58 -5.25
N SER B 63 24.36 5.60 -4.42
CA SER B 63 25.72 6.08 -4.13
CA SER B 63 25.73 6.07 -4.15
C SER B 63 26.41 5.25 -3.06
N GLY B 64 25.69 4.32 -2.42
CA GLY B 64 26.22 3.51 -1.34
C GLY B 64 26.32 4.24 0.01
N THR B 65 25.65 5.39 0.19
CA THR B 65 25.62 6.03 1.51
C THR B 65 24.43 5.64 2.35
N GLU B 66 23.48 4.92 1.76
CA GLU B 66 22.27 4.47 2.47
C GLU B 66 21.98 3.06 2.01
N ARG B 67 21.21 2.32 2.82
CA ARG B 67 20.74 1.01 2.39
C ARG B 67 19.24 0.90 2.67
N GLY B 68 18.52 0.28 1.73
CA GLY B 68 17.07 0.28 1.81
C GLY B 68 16.58 -0.47 3.05
N ASP B 69 17.38 -1.45 3.54
CA ASP B 69 16.90 -2.25 4.68
C ASP B 69 17.36 -1.68 6.05
N ARG B 70 17.99 -0.49 6.04
CA ARG B 70 18.39 0.05 7.34
C ARG B 70 17.17 0.39 8.19
N LYS B 71 17.19 0.04 9.47
CA LYS B 71 16.03 0.26 10.33
C LYS B 71 16.07 1.65 10.93
N LEU B 72 14.98 2.42 10.77
CA LEU B 72 14.84 3.75 11.33
C LEU B 72 13.91 3.67 12.52
N SER B 73 14.46 3.81 13.73
CA SER B 73 13.70 3.65 14.97
C SER B 73 12.94 4.94 15.26
N TYR B 74 11.78 4.80 15.89
CA TYR B 74 10.99 6.00 16.23
C TYR B 74 10.03 5.63 17.34
N GLY B 75 9.54 6.66 18.05
CA GLY B 75 8.47 6.47 19.03
C GLY B 75 7.22 7.24 18.65
N PRO B 76 6.28 7.35 19.60
CA PRO B 76 4.98 7.96 19.31
C PRO B 76 5.06 9.39 18.79
N ASP B 77 6.10 10.11 19.19
CA ASP B 77 6.19 11.51 18.78
C ASP B 77 6.36 11.65 17.26
N MET B 78 6.72 10.55 16.57
CA MET B 78 6.88 10.64 15.12
C MET B 78 5.53 10.68 14.38
N ILE B 79 4.49 10.20 15.01
CA ILE B 79 3.21 10.10 14.36
CA ILE B 79 3.17 10.08 14.42
C ILE B 79 2.57 11.48 14.25
N VAL B 80 2.11 11.80 13.05
CA VAL B 80 1.38 13.04 12.88
C VAL B 80 0.15 12.71 12.08
N GLU B 81 -0.72 13.69 11.89
N GLU B 81 -0.77 13.68 11.90
CA GLU B 81 -1.90 13.51 11.08
CA GLU B 81 -2.00 13.36 11.20
C GLU B 81 -1.56 12.71 9.80
C GLU B 81 -1.65 12.75 9.83
N TRP B 82 -2.40 11.72 9.49
CA TRP B 82 -2.23 10.90 8.29
C TRP B 82 -0.87 10.23 8.27
N SER B 83 -0.78 9.19 9.09
CA SER B 83 0.47 8.41 9.16
C SER B 83 0.08 6.94 9.27
N PRO B 84 -0.66 6.39 8.28
CA PRO B 84 -1.26 5.06 8.47
C PRO B 84 -0.21 3.95 8.61
N ALA B 85 0.88 3.98 7.80
CA ALA B 85 1.87 2.93 7.97
C ALA B 85 2.70 3.17 9.23
N THR B 86 3.06 4.43 9.51
CA THR B 86 3.91 4.68 10.67
C THR B 86 3.17 4.21 11.91
N GLU B 87 1.85 4.40 11.95
CA GLU B 87 1.07 3.92 13.10
C GLU B 87 1.10 2.41 13.21
N ARG B 88 1.08 1.71 12.06
CA ARG B 88 1.06 0.22 12.04
C ARG B 88 2.42 -0.36 12.44
N PHE B 89 3.52 0.38 12.23
CA PHE B 89 4.87 -0.10 12.54
C PHE B 89 5.34 0.37 13.92
N LEU B 90 4.58 1.20 14.60
CA LEU B 90 5.06 1.83 15.85
C LEU B 90 5.44 0.77 16.89
N ALA B 91 4.59 -0.24 17.07
CA ALA B 91 4.86 -1.19 18.14
C ALA B 91 6.20 -1.91 17.85
N SER B 92 6.45 -2.26 16.59
CA SER B 92 7.71 -2.92 16.19
C SER B 92 8.91 -2.05 16.50
N GLY B 93 8.71 -0.72 16.52
CA GLY B 93 9.77 0.21 16.86
C GLY B 93 10.51 0.87 15.69
N HIS B 94 10.28 0.45 14.44
CA HIS B 94 11.02 1.02 13.33
C HIS B 94 10.25 0.83 12.03
N MET B 95 10.68 1.61 11.04
CA MET B 95 10.42 1.31 9.65
CA MET B 95 10.43 1.30 9.64
C MET B 95 11.77 1.27 8.97
N THR B 96 11.92 0.39 7.96
CA THR B 96 13.15 0.52 7.19
C THR B 96 13.09 1.73 6.26
N VAL B 97 14.24 2.13 5.72
CA VAL B 97 14.30 3.20 4.74
C VAL B 97 13.29 2.92 3.62
N LEU B 98 13.33 1.72 3.02
CA LEU B 98 12.44 1.48 1.87
C LEU B 98 10.96 1.38 2.32
N GLU B 99 10.64 0.84 3.51
CA GLU B 99 9.24 0.84 3.92
C GLU B 99 8.76 2.29 4.08
N ALA B 100 9.59 3.14 4.72
CA ALA B 100 9.20 4.54 4.91
C ALA B 100 9.01 5.23 3.58
N ALA B 101 9.92 5.01 2.66
CA ALA B 101 9.85 5.68 1.35
C ALA B 101 8.60 5.21 0.59
N GLN B 102 8.32 3.91 0.61
CA GLN B 102 7.12 3.43 -0.08
C GLN B 102 5.87 4.03 0.56
N ALA B 103 5.81 4.10 1.88
CA ALA B 103 4.61 4.65 2.53
C ALA B 103 4.51 6.14 2.19
N ALA B 104 5.64 6.89 2.20
CA ALA B 104 5.57 8.29 1.84
C ALA B 104 5.05 8.50 0.42
N VAL B 105 5.48 7.68 -0.53
CA VAL B 105 5.10 7.88 -1.92
C VAL B 105 3.68 7.39 -2.15
N GLN B 106 3.37 6.16 -1.74
CA GLN B 106 2.13 5.53 -2.21
C GLN B 106 0.97 5.77 -1.26
N LEU B 107 1.22 6.07 0.05
CA LEU B 107 0.15 6.40 1.00
C LEU B 107 0.20 7.86 1.40
N SER B 108 1.21 8.60 0.97
CA SER B 108 1.33 9.98 1.42
C SER B 108 1.55 10.06 2.94
N ASP B 109 2.15 9.02 3.52
CA ASP B 109 2.28 8.96 4.99
C ASP B 109 3.20 10.06 5.50
N ASN B 110 2.66 10.92 6.40
CA ASN B 110 3.44 12.07 6.83
C ASN B 110 4.48 11.67 7.89
N GLY B 111 4.17 10.73 8.81
CA GLY B 111 5.19 10.33 9.78
C GLY B 111 6.35 9.64 9.08
N ALA B 112 6.06 8.88 8.02
CA ALA B 112 7.15 8.21 7.28
C ALA B 112 8.02 9.25 6.57
N THR B 113 7.36 10.26 5.98
CA THR B 113 8.03 11.37 5.36
C THR B 113 8.94 12.04 6.38
N ASN B 114 8.40 12.34 7.53
CA ASN B 114 9.21 13.04 8.54
C ASN B 114 10.38 12.18 9.07
N LEU B 115 10.15 10.87 9.11
CA LEU B 115 11.19 9.95 9.54
C LEU B 115 12.35 10.00 8.53
N LEU B 116 12.03 9.99 7.23
CA LEU B 116 13.09 10.10 6.26
C LEU B 116 13.76 11.48 6.36
N LEU B 117 12.96 12.56 6.50
CA LEU B 117 13.58 13.91 6.58
C LEU B 117 14.57 13.90 7.76
N ARG B 118 14.20 13.28 8.88
CA ARG B 118 15.10 13.25 10.05
C ARG B 118 16.43 12.63 9.62
N GLU B 119 16.40 11.56 8.83
CA GLU B 119 17.60 10.85 8.47
C GLU B 119 18.42 11.59 7.42
N ILE B 120 17.76 12.34 6.52
CA ILE B 120 18.52 12.82 5.36
C ILE B 120 19.07 14.24 5.55
N GLY B 121 18.72 14.89 6.66
CA GLY B 121 19.14 16.25 6.94
C GLY B 121 18.04 17.32 6.84
N GLY B 122 16.78 16.90 6.82
CA GLY B 122 15.70 17.83 7.02
C GLY B 122 15.42 18.67 5.77
N PRO B 123 14.57 19.73 5.92
CA PRO B 123 14.28 20.67 4.82
C PRO B 123 15.49 21.16 4.07
N ALA B 124 16.57 21.50 4.78
CA ALA B 124 17.77 21.99 4.09
C ALA B 124 18.33 20.95 3.13
N ALA B 125 18.36 19.67 3.55
CA ALA B 125 18.92 18.66 2.65
C ALA B 125 17.98 18.43 1.45
N MET B 126 16.64 18.50 1.69
CA MET B 126 15.72 18.33 0.55
C MET B 126 15.97 19.46 -0.46
N THR B 127 16.09 20.70 0.04
CA THR B 127 16.34 21.81 -0.85
C THR B 127 17.69 21.68 -1.59
N GLN B 128 18.73 21.21 -0.90
CA GLN B 128 20.05 21.02 -1.47
C GLN B 128 19.97 20.00 -2.63
N TYR B 129 19.15 18.94 -2.44
CA TYR B 129 18.95 17.96 -3.50
C TYR B 129 18.27 18.57 -4.74
N PHE B 130 17.22 19.40 -4.54
CA PHE B 130 16.67 20.09 -5.71
C PHE B 130 17.74 20.90 -6.44
N ARG B 131 18.53 21.68 -5.68
CA ARG B 131 19.57 22.49 -6.35
C ARG B 131 20.57 21.62 -7.12
N LYS B 132 20.95 20.48 -6.54
CA LYS B 132 21.98 19.62 -7.10
C LYS B 132 21.55 19.08 -8.46
N ILE B 133 20.24 18.82 -8.63
CA ILE B 133 19.75 18.23 -9.87
C ILE B 133 19.34 19.35 -10.82
N GLY B 134 19.64 20.62 -10.45
CA GLY B 134 19.39 21.71 -11.38
C GLY B 134 18.06 22.41 -11.21
N ASP B 135 17.31 22.13 -10.12
CA ASP B 135 16.07 22.85 -9.82
C ASP B 135 16.42 23.98 -8.87
N SER B 136 16.45 25.23 -9.39
CA SER B 136 16.83 26.39 -8.59
C SER B 136 15.64 27.05 -7.92
N VAL B 137 14.47 26.40 -8.00
CA VAL B 137 13.21 27.03 -7.57
C VAL B 137 12.61 26.30 -6.36
N SER B 138 12.37 24.96 -6.48
CA SER B 138 11.65 24.26 -5.43
C SER B 138 12.39 24.39 -4.11
N ARG B 139 11.61 24.52 -3.05
CA ARG B 139 12.28 24.66 -1.73
C ARG B 139 11.41 23.98 -0.67
N LEU B 140 12.03 23.20 0.23
CA LEU B 140 11.35 22.69 1.41
C LEU B 140 11.91 23.44 2.61
N ASP B 141 10.99 24.01 3.40
CA ASP B 141 11.39 24.78 4.57
C ASP B 141 10.90 24.13 5.87
N ARG B 142 9.80 23.34 5.80
CA ARG B 142 9.25 22.75 7.02
C ARG B 142 8.95 21.26 6.82
N LYS B 143 8.81 20.53 7.91
CA LYS B 143 8.31 19.17 7.86
C LYS B 143 6.78 19.13 7.76
N GLU B 144 6.24 17.89 7.72
CA GLU B 144 4.80 17.80 7.63
C GLU B 144 4.24 17.81 9.05
N PRO B 145 2.97 18.25 9.27
CA PRO B 145 2.08 18.74 8.22
C PRO B 145 2.13 20.24 7.97
N GLU B 146 2.96 20.97 8.75
CA GLU B 146 2.92 22.44 8.63
C GLU B 146 3.34 22.89 7.23
N MET B 147 4.16 22.11 6.55
CA MET B 147 4.59 22.53 5.22
C MET B 147 3.42 22.63 4.23
N SER B 148 2.26 22.05 4.56
CA SER B 148 1.13 22.04 3.64
C SER B 148 0.14 23.16 4.01
N ASP B 149 0.54 24.10 4.90
CA ASP B 149 -0.37 25.17 5.32
C ASP B 149 -0.83 26.01 4.12
N ASN B 150 0.03 26.26 3.13
CA ASN B 150 -0.43 26.94 1.91
C ASN B 150 -1.06 28.30 2.24
N THR B 151 -0.50 29.00 3.20
CA THR B 151 -1.00 30.33 3.52
C THR B 151 -0.73 31.31 2.37
N PRO B 152 -1.76 32.02 1.83
CA PRO B 152 -1.57 32.93 0.70
C PRO B 152 -0.37 33.86 0.95
N GLY B 153 0.48 34.01 -0.07
CA GLY B 153 1.64 34.89 0.01
C GLY B 153 2.88 34.28 0.67
N ASP B 154 2.79 33.08 1.29
CA ASP B 154 3.93 32.49 1.94
C ASP B 154 4.70 31.66 0.90
N LEU B 155 6.01 31.94 0.69
CA LEU B 155 6.75 31.24 -0.35
C LEU B 155 7.48 29.99 0.20
N ARG B 156 7.47 29.79 1.52
CA ARG B 156 7.96 28.53 2.08
C ARG B 156 7.28 27.32 1.41
N ASP B 157 8.12 26.30 1.13
CA ASP B 157 7.54 24.98 0.78
C ASP B 157 6.90 25.02 -0.61
N THR B 158 7.37 25.92 -1.48
CA THR B 158 6.81 26.13 -2.82
C THR B 158 7.64 25.57 -3.96
N THR B 159 6.99 25.46 -5.13
CA THR B 159 7.68 25.18 -6.37
C THR B 159 6.94 25.99 -7.43
N THR B 160 7.34 25.79 -8.70
CA THR B 160 6.53 26.26 -9.81
C THR B 160 6.24 25.09 -10.72
N PRO B 161 5.11 25.11 -11.49
CA PRO B 161 4.82 23.95 -12.35
C PRO B 161 6.00 23.57 -13.19
N ILE B 162 6.65 24.56 -13.86
CA ILE B 162 7.74 24.19 -14.76
C ILE B 162 8.95 23.63 -14.00
N ALA B 163 9.31 24.23 -12.85
CA ALA B 163 10.46 23.69 -12.15
C ALA B 163 10.17 22.25 -11.72
N MET B 164 8.95 22.01 -11.25
CA MET B 164 8.70 20.67 -10.71
C MET B 164 8.54 19.68 -11.87
N ALA B 165 7.93 20.06 -13.00
CA ALA B 165 7.88 19.10 -14.10
C ALA B 165 9.28 18.74 -14.60
N ARG B 166 10.19 19.74 -14.63
CA ARG B 166 11.56 19.48 -15.00
C ARG B 166 12.28 18.56 -14.02
N THR B 167 12.01 18.76 -12.72
CA THR B 167 12.53 17.84 -11.70
C THR B 167 12.05 16.43 -11.93
N VAL B 168 10.73 16.26 -12.16
CA VAL B 168 10.22 14.92 -12.45
C VAL B 168 10.96 14.34 -13.65
N ALA B 169 11.04 15.13 -14.74
CA ALA B 169 11.71 14.60 -15.93
C ALA B 169 13.15 14.19 -15.61
N LYS B 170 13.89 14.99 -14.84
CA LYS B 170 15.28 14.66 -14.50
CA LYS B 170 15.27 14.65 -14.52
C LYS B 170 15.32 13.33 -13.76
N VAL B 171 14.41 13.14 -12.79
CA VAL B 171 14.46 11.94 -11.99
C VAL B 171 14.08 10.71 -12.83
N LEU B 172 13.12 10.86 -13.76
CA LEU B 172 12.63 9.66 -14.43
C LEU B 172 13.38 9.38 -15.73
N TYR B 173 13.90 10.43 -16.35
CA TYR B 173 14.41 10.32 -17.73
C TYR B 173 15.83 10.89 -17.92
N GLY B 174 16.30 11.68 -16.93
CA GLY B 174 17.52 12.42 -17.07
C GLY B 174 18.72 11.86 -16.31
N GLY B 175 18.68 10.59 -15.93
CA GLY B 175 19.88 9.97 -15.37
C GLY B 175 20.18 10.34 -13.91
N ALA B 176 19.21 10.92 -13.22
CA ALA B 176 19.38 11.18 -11.79
C ALA B 176 19.61 9.92 -10.98
N LEU B 177 19.00 8.82 -11.38
CA LEU B 177 19.06 7.59 -10.61
C LEU B 177 19.60 6.50 -11.53
N THR B 178 20.19 5.46 -10.93
CA THR B 178 20.77 4.32 -11.69
C THR B 178 19.72 3.80 -12.69
N SER B 179 19.90 2.56 -13.17
CA SER B 179 18.96 1.95 -14.14
C SER B 179 17.92 1.11 -13.38
N THR B 180 18.17 0.83 -12.09
CA THR B 180 17.24 0.02 -11.27
C THR B 180 16.34 0.95 -10.44
N SER B 181 16.95 1.93 -9.76
CA SER B 181 16.20 2.89 -8.94
C SER B 181 15.17 3.67 -9.74
N THR B 182 15.48 4.01 -10.97
CA THR B 182 14.54 4.72 -11.80
C THR B 182 13.27 3.88 -12.04
N HIS B 183 13.46 2.63 -12.39
CA HIS B 183 12.32 1.75 -12.65
C HIS B 183 11.54 1.57 -11.37
N THR B 184 12.22 1.34 -10.23
CA THR B 184 11.50 1.19 -8.96
C THR B 184 10.59 2.40 -8.68
N ILE B 185 11.15 3.61 -8.83
CA ILE B 185 10.36 4.80 -8.50
C ILE B 185 9.20 5.01 -9.50
N GLU B 186 9.41 4.67 -10.75
CA GLU B 186 8.36 4.70 -11.77
CA GLU B 186 8.34 4.73 -11.75
C GLU B 186 7.22 3.77 -11.36
N ARG B 187 7.59 2.54 -10.96
CA ARG B 187 6.56 1.58 -10.58
C ARG B 187 5.83 2.03 -9.31
N TRP B 188 6.58 2.64 -8.36
CA TRP B 188 5.88 3.16 -7.18
C TRP B 188 4.84 4.23 -7.52
N LEU B 189 5.18 5.12 -8.46
CA LEU B 189 4.21 6.15 -8.85
C LEU B 189 2.99 5.53 -9.54
N ILE B 190 3.22 4.51 -10.39
CA ILE B 190 2.06 3.86 -11.04
C ILE B 190 1.18 3.26 -9.95
N GLY B 191 1.82 2.63 -8.92
CA GLY B 191 1.05 1.96 -7.88
C GLY B 191 0.57 2.87 -6.73
N ASN B 192 0.79 4.20 -6.86
CA ASN B 192 0.29 5.12 -5.86
C ASN B 192 -1.15 4.79 -5.48
N GLN B 193 -1.50 4.88 -4.19
CA GLN B 193 -2.82 4.49 -3.72
C GLN B 193 -3.76 5.69 -3.61
N THR B 194 -3.23 6.94 -3.79
CA THR B 194 -4.04 8.09 -3.38
C THR B 194 -4.47 8.94 -4.58
N GLY B 195 -4.20 8.49 -5.81
CA GLY B 195 -4.46 9.31 -6.99
C GLY B 195 -5.58 8.83 -7.90
N ASP B 196 -6.43 7.92 -7.41
CA ASP B 196 -7.42 7.31 -8.30
C ASP B 196 -8.44 8.33 -8.85
N ALA B 197 -8.68 9.40 -8.09
CA ALA B 197 -9.73 10.37 -8.44
C ALA B 197 -9.14 11.64 -9.05
N THR B 198 -7.80 11.73 -9.17
CA THR B 198 -7.15 12.96 -9.65
C THR B 198 -6.71 12.80 -11.09
N LEU B 199 -5.50 13.22 -11.43
CA LEU B 199 -5.06 13.30 -12.85
C LEU B 199 -5.32 12.03 -13.62
N ARG B 200 -5.04 10.87 -13.01
CA ARG B 200 -5.21 9.56 -13.68
C ARG B 200 -6.65 9.35 -14.17
N ALA B 201 -7.64 9.88 -13.44
CA ALA B 201 -9.05 9.71 -13.77
C ALA B 201 -9.38 10.51 -15.03
N GLY B 202 -8.51 11.42 -15.49
CA GLY B 202 -8.81 12.23 -16.66
C GLY B 202 -8.04 11.80 -17.90
N PHE B 203 -7.12 10.84 -17.76
CA PHE B 203 -6.31 10.36 -18.89
C PHE B 203 -6.99 9.10 -19.47
N PRO B 204 -6.67 8.74 -20.73
CA PRO B 204 -7.23 7.53 -21.34
C PRO B 204 -6.81 6.32 -20.50
N LYS B 205 -7.65 5.30 -20.50
CA LYS B 205 -7.44 4.14 -19.63
C LYS B 205 -6.20 3.36 -20.08
N ASP B 206 -5.78 3.52 -21.33
N ASP B 206 -5.81 3.57 -21.34
CA ASP B 206 -4.63 2.76 -21.78
CA ASP B 206 -4.72 2.87 -21.97
C ASP B 206 -3.35 3.61 -21.87
C ASP B 206 -3.36 3.57 -21.76
N TRP B 207 -3.37 4.83 -21.29
CA TRP B 207 -2.11 5.56 -21.10
C TRP B 207 -1.51 5.06 -19.78
N VAL B 208 -0.18 4.89 -19.71
CA VAL B 208 0.47 4.54 -18.46
C VAL B 208 0.70 5.85 -17.69
N VAL B 209 0.23 5.88 -16.47
CA VAL B 209 0.30 7.09 -15.65
CA VAL B 209 0.40 7.09 -15.67
C VAL B 209 0.84 6.71 -14.26
N GLY B 210 1.80 7.50 -13.77
CA GLY B 210 2.24 7.33 -12.40
C GLY B 210 2.36 8.73 -11.80
N GLU B 211 1.91 8.89 -10.57
CA GLU B 211 1.89 10.25 -10.02
C GLU B 211 1.85 10.24 -8.49
N LYS B 212 2.14 11.45 -7.96
CA LYS B 212 2.09 11.69 -6.52
C LYS B 212 1.18 12.91 -6.29
N THR B 213 0.16 12.71 -5.46
CA THR B 213 -0.80 13.78 -5.16
C THR B 213 -0.26 14.71 -4.08
N GLY B 214 -0.94 15.86 -3.94
CA GLY B 214 -0.72 16.70 -2.78
C GLY B 214 -2.07 17.31 -2.40
N THR B 215 -2.25 17.54 -1.11
CA THR B 215 -3.42 18.24 -0.61
C THR B 215 -2.92 19.28 0.38
N CYS B 216 -3.31 20.52 0.16
CA CYS B 216 -2.89 21.57 1.07
C CYS B 216 -4.14 22.17 1.73
N ALA B 217 -3.89 22.87 2.82
CA ALA B 217 -4.90 23.78 3.36
C ALA B 217 -5.17 24.88 2.33
N ASN B 218 -6.21 25.68 2.59
CA ASN B 218 -6.54 26.80 1.73
C ASN B 218 -6.79 26.36 0.29
N GLY B 219 -7.30 25.12 0.11
CA GLY B 219 -7.84 24.71 -1.18
C GLY B 219 -6.81 24.24 -2.19
N GLY B 220 -5.63 23.80 -1.71
CA GLY B 220 -4.58 23.34 -2.64
C GLY B 220 -4.82 21.86 -3.00
N ARG B 221 -4.73 21.54 -4.29
CA ARG B 221 -4.82 20.15 -4.71
C ARG B 221 -3.93 19.96 -5.91
N ASN B 222 -2.95 19.03 -5.75
CA ASN B 222 -1.85 18.98 -6.71
C ASN B 222 -1.66 17.53 -7.17
N ASP B 223 -0.98 17.37 -8.30
CA ASP B 223 -0.62 16.01 -8.74
C ASP B 223 0.51 16.13 -9.75
N ILE B 224 1.63 15.41 -9.55
CA ILE B 224 2.79 15.48 -10.44
C ILE B 224 3.18 14.05 -10.78
N GLY B 225 3.76 13.90 -11.96
CA GLY B 225 4.21 12.53 -12.31
C GLY B 225 4.48 12.48 -13.81
N PHE B 226 4.20 11.31 -14.40
CA PHE B 226 4.50 11.09 -15.79
C PHE B 226 3.33 10.38 -16.46
N PHE B 227 3.37 10.43 -17.79
CA PHE B 227 2.44 9.59 -18.54
C PHE B 227 3.11 9.13 -19.83
N LYS B 228 2.65 7.97 -20.29
CA LYS B 228 3.16 7.43 -21.55
C LYS B 228 1.95 7.29 -22.47
N ALA B 229 1.99 8.07 -23.55
CA ALA B 229 0.94 7.98 -24.55
C ALA B 229 1.61 7.17 -25.65
N GLN B 230 1.45 5.83 -25.53
CA GLN B 230 2.09 4.83 -26.38
C GLN B 230 3.58 5.11 -26.35
N GLU B 231 4.16 5.50 -27.51
CA GLU B 231 5.60 5.57 -27.50
C GLU B 231 6.09 6.93 -27.02
N ARG B 232 5.18 7.87 -26.70
CA ARG B 232 5.69 9.17 -26.27
C ARG B 232 5.57 9.32 -24.75
N ASP B 233 6.66 9.79 -24.11
CA ASP B 233 6.74 9.90 -22.67
C ASP B 233 6.76 11.39 -22.31
N TYR B 234 6.03 11.74 -21.24
CA TYR B 234 5.96 13.11 -20.74
C TYR B 234 6.07 13.14 -19.22
N ALA B 235 6.63 14.26 -18.71
CA ALA B 235 6.50 14.53 -17.29
C ALA B 235 5.45 15.66 -17.15
N VAL B 236 4.72 15.63 -16.04
CA VAL B 236 3.67 16.61 -15.83
C VAL B 236 3.66 17.07 -14.39
N ALA B 237 3.35 18.36 -14.19
CA ALA B 237 3.12 18.83 -12.82
C ALA B 237 1.87 19.72 -12.85
N VAL B 238 0.90 19.40 -12.00
CA VAL B 238 -0.33 20.17 -11.87
C VAL B 238 -0.45 20.63 -10.45
N TYR B 239 -0.65 21.96 -10.29
CA TYR B 239 -0.89 22.52 -8.96
C TYR B 239 -2.13 23.39 -9.07
N THR B 240 -3.08 23.18 -8.18
CA THR B 240 -4.33 23.97 -8.21
C THR B 240 -4.66 24.53 -6.84
N THR B 241 -5.37 25.69 -6.89
CA THR B 241 -5.83 26.37 -5.68
C THR B 241 -7.28 26.75 -5.94
N ALA B 242 -8.20 26.15 -5.19
CA ALA B 242 -9.63 26.39 -5.41
C ALA B 242 -10.32 26.38 -4.05
N PRO B 243 -10.19 27.45 -3.25
CA PRO B 243 -10.67 27.44 -1.87
C PRO B 243 -12.17 27.32 -1.66
N LYS B 244 -12.99 27.59 -2.68
CA LYS B 244 -14.44 27.52 -2.56
C LYS B 244 -15.00 26.21 -3.12
N LEU B 245 -14.14 25.32 -3.65
CA LEU B 245 -14.57 23.99 -4.06
C LEU B 245 -14.61 23.05 -2.84
N SER B 246 -15.44 22.02 -2.90
CA SER B 246 -15.34 20.92 -1.94
C SER B 246 -14.11 20.06 -2.24
N ALA B 247 -13.72 19.20 -1.29
CA ALA B 247 -12.60 18.27 -1.54
C ALA B 247 -12.89 17.37 -2.77
N VAL B 248 -14.10 16.83 -2.91
CA VAL B 248 -14.44 16.02 -4.08
C VAL B 248 -14.39 16.84 -5.38
N GLU B 249 -14.85 18.10 -5.30
CA GLU B 249 -14.79 18.99 -6.45
C GLU B 249 -13.35 19.33 -6.89
N ARG B 250 -12.46 19.45 -5.91
CA ARG B 250 -11.02 19.63 -6.22
C ARG B 250 -10.45 18.41 -6.94
N ASP B 251 -10.84 17.20 -6.50
CA ASP B 251 -10.40 16.01 -7.24
C ASP B 251 -10.89 16.11 -8.67
N GLU B 252 -12.19 16.45 -8.83
CA GLU B 252 -12.80 16.55 -10.16
C GLU B 252 -12.05 17.55 -11.04
N LEU B 253 -11.61 18.66 -10.42
CA LEU B 253 -10.94 19.73 -11.14
C LEU B 253 -9.62 19.19 -11.69
N VAL B 254 -8.85 18.43 -10.86
CA VAL B 254 -7.59 17.88 -11.37
C VAL B 254 -7.84 16.86 -12.50
N ALA B 255 -8.87 16.00 -12.31
CA ALA B 255 -9.23 15.04 -13.33
C ALA B 255 -9.57 15.75 -14.67
N SER B 256 -10.29 16.90 -14.56
CA SER B 256 -10.62 17.74 -15.71
C SER B 256 -9.37 18.31 -16.39
N VAL B 257 -8.37 18.70 -15.57
CA VAL B 257 -7.09 19.12 -16.15
C VAL B 257 -6.46 17.95 -16.92
N GLY B 258 -6.57 16.72 -16.32
CA GLY B 258 -6.09 15.55 -17.05
C GLY B 258 -6.68 15.44 -18.46
N GLN B 259 -7.98 15.71 -18.57
CA GLN B 259 -8.71 15.61 -19.85
C GLN B 259 -8.24 16.69 -20.84
N VAL B 260 -7.89 17.88 -20.33
CA VAL B 260 -7.37 18.99 -21.12
C VAL B 260 -5.98 18.64 -21.62
N ILE B 261 -5.17 18.02 -20.75
CA ILE B 261 -3.84 17.60 -21.20
C ILE B 261 -3.95 16.53 -22.30
N THR B 262 -4.86 15.56 -22.07
CA THR B 262 -5.02 14.45 -23.04
C THR B 262 -5.34 15.01 -24.44
N GLN B 263 -6.26 15.94 -24.49
CA GLN B 263 -6.55 16.54 -25.79
C GLN B 263 -5.32 17.26 -26.40
N LEU B 264 -4.59 18.02 -25.61
CA LEU B 264 -3.38 18.65 -26.13
C LEU B 264 -2.49 17.60 -26.77
N ILE B 265 -2.21 16.50 -26.05
CA ILE B 265 -1.22 15.56 -26.56
C ILE B 265 -1.76 14.89 -27.82
N LEU B 266 -3.06 14.55 -27.77
CA LEU B 266 -3.67 13.92 -28.98
C LEU B 266 -3.53 14.83 -30.19
N SER B 267 -3.48 16.07 -29.98
CA SER B 267 -3.40 17.06 -31.04
C SER B 267 -1.96 17.48 -31.37
N THR B 268 -0.95 16.96 -30.73
CA THR B 268 0.43 17.36 -30.97
C THR B 268 1.02 16.35 -31.95
N ASP B 269 1.61 16.85 -33.06
CA ASP B 269 2.21 16.00 -34.09
C ASP B 269 3.42 15.20 -33.60
#